data_1QIQ
#
_entry.id   1QIQ
#
_cell.length_a   46.810
_cell.length_b   71.660
_cell.length_c   101.630
_cell.angle_alpha   90.00
_cell.angle_beta   90.00
_cell.angle_gamma   90.00
#
_symmetry.space_group_name_H-M   'P 21 21 21'
#
loop_
_entity.id
_entity.type
_entity.pdbx_description
1 polymer 'ISOPENICILLIN N SYNTHASE'
2 non-polymer 'N-[N-[2-AMINO-6-OXO-HEXANOIC ACID-6-YL]CYSTEINYL]-S-METHYLCYSTEINE'
3 non-polymer 'FE (III) ION'
4 non-polymer 'SULFATE ION'
5 water water
#
_entity_poly.entity_id   1
_entity_poly.type   'polypeptide(L)'
_entity_poly.pdbx_seq_one_letter_code
;MGSVSKANVPKIDVSPLFGDDQAAKMRVAQQIDAASRDTGFFYAVNHGINVQRLSQKTKEFHMSITPEEKWDLAIRAYNK
EHQDQVRAGYYLSIPGKKAVESFCYLNPNFTPDHPRIQAKTPTHEVNVWPDETKHPGFQDFAEQYYWDVFGLSSALLKGY
ALALGKEENFFARHFKPDDTLASVVLIRYPYLDPYPEAAIKTAADGTKLSFEWHEDVSLITVLYQSNVQNLQVETAAGYQ
DIEADDTGYLINCGSYMAHLTNNYYKAPIHRVKWVNAERQSLPFFVNLGYDSVIDPFDPREPNGKSDREPLSYGDYLQNG
LVSLINKNGQT
;
_entity_poly.pdbx_strand_id   A
#
# COMPACT_ATOMS: atom_id res chain seq x y z
N VAL A 4 -17.08 -4.66 -19.18
CA VAL A 4 -16.97 -4.93 -17.74
C VAL A 4 -17.83 -3.94 -16.97
N SER A 5 -18.56 -4.37 -15.95
CA SER A 5 -19.38 -3.42 -15.20
C SER A 5 -18.57 -2.68 -14.15
N LYS A 6 -19.06 -1.55 -13.71
CA LYS A 6 -18.41 -0.72 -12.71
C LYS A 6 -18.56 -1.29 -11.31
N ALA A 7 -17.45 -1.37 -10.57
CA ALA A 7 -17.51 -1.83 -9.20
C ALA A 7 -18.09 -0.77 -8.27
N ASN A 8 -18.76 -1.23 -7.23
CA ASN A 8 -19.33 -0.41 -6.19
C ASN A 8 -18.24 0.00 -5.22
N VAL A 9 -17.77 1.23 -5.37
CA VAL A 9 -16.72 1.76 -4.52
C VAL A 9 -17.21 3.09 -3.97
N PRO A 10 -17.84 3.06 -2.79
CA PRO A 10 -18.37 4.26 -2.21
C PRO A 10 -17.37 5.27 -1.72
N LYS A 11 -17.74 6.53 -1.75
CA LYS A 11 -16.94 7.59 -1.19
C LYS A 11 -17.40 7.76 0.25
N ILE A 12 -16.50 7.65 1.19
CA ILE A 12 -16.75 7.82 2.60
C ILE A 12 -15.99 9.00 3.19
N ASP A 13 -16.70 9.94 3.78
CA ASP A 13 -16.12 11.07 4.45
C ASP A 13 -15.57 10.60 5.78
N VAL A 14 -14.25 10.48 5.84
CA VAL A 14 -13.55 10.01 7.03
C VAL A 14 -13.15 11.06 8.01
N SER A 15 -13.51 12.32 7.82
CA SER A 15 -13.18 13.40 8.73
C SER A 15 -13.61 13.19 10.16
N PRO A 16 -14.73 12.56 10.47
CA PRO A 16 -15.03 12.35 11.88
C PRO A 16 -14.05 11.48 12.61
N LEU A 17 -13.26 10.63 11.96
CA LEU A 17 -12.29 9.78 12.58
C LEU A 17 -11.10 10.52 13.17
N PHE A 18 -10.95 11.79 12.83
CA PHE A 18 -9.90 12.61 13.38
C PHE A 18 -10.37 13.37 14.62
N GLY A 19 -11.65 13.31 14.91
CA GLY A 19 -12.26 14.07 16.00
C GLY A 19 -12.76 13.28 17.19
N ASP A 20 -13.60 13.94 18.00
CA ASP A 20 -14.08 13.34 19.23
C ASP A 20 -15.57 13.11 19.30
N ASP A 21 -16.27 13.07 18.19
CA ASP A 21 -17.70 12.82 18.15
C ASP A 21 -17.87 11.33 17.95
N GLN A 22 -18.05 10.59 19.04
CA GLN A 22 -18.14 9.14 18.98
C GLN A 22 -19.27 8.60 18.15
N ALA A 23 -20.45 9.19 18.20
CA ALA A 23 -21.56 8.76 17.38
C ALA A 23 -21.27 8.93 15.89
N ALA A 24 -20.69 10.07 15.51
CA ALA A 24 -20.34 10.28 14.11
C ALA A 24 -19.27 9.27 13.69
N LYS A 25 -18.33 8.95 14.58
CA LYS A 25 -17.34 7.91 14.25
C LYS A 25 -17.99 6.57 14.01
N MET A 26 -19.04 6.19 14.78
CA MET A 26 -19.72 4.93 14.53
C MET A 26 -20.41 4.93 13.18
N ARG A 27 -20.99 6.05 12.77
CA ARG A 27 -21.62 6.13 11.45
C ARG A 27 -20.59 5.98 10.34
N VAL A 28 -19.35 6.42 10.57
CA VAL A 28 -18.31 6.16 9.54
C VAL A 28 -17.92 4.72 9.59
N ALA A 29 -17.79 4.14 10.80
CA ALA A 29 -17.45 2.74 10.93
C ALA A 29 -18.43 1.84 10.22
N GLN A 30 -19.75 2.17 10.25
CA GLN A 30 -20.70 1.34 9.53
C GLN A 30 -20.44 1.35 8.02
N GLN A 31 -20.09 2.51 7.49
CA GLN A 31 -19.80 2.62 6.06
C GLN A 31 -18.57 1.78 5.71
N ILE A 32 -17.57 1.80 6.59
CA ILE A 32 -16.39 0.94 6.36
C ILE A 32 -16.77 -0.52 6.40
N ASP A 33 -17.62 -0.92 7.37
CA ASP A 33 -18.07 -2.29 7.45
C ASP A 33 -18.79 -2.71 6.16
N ALA A 34 -19.73 -1.88 5.70
CA ALA A 34 -20.46 -2.21 4.50
C ALA A 34 -19.55 -2.35 3.29
N ALA A 35 -18.63 -1.42 3.09
CA ALA A 35 -17.73 -1.55 1.93
C ALA A 35 -16.83 -2.75 2.05
N SER A 36 -16.34 -3.04 3.25
CA SER A 36 -15.46 -4.17 3.49
C SER A 36 -16.14 -5.49 3.22
N ARG A 37 -17.44 -5.57 3.50
CA ARG A 37 -18.21 -6.76 3.26
C ARG A 37 -18.71 -6.84 1.83
N ASP A 38 -18.67 -5.82 1.01
CA ASP A 38 -19.14 -5.87 -0.38
C ASP A 38 -17.96 -6.06 -1.32
N THR A 39 -17.55 -5.07 -2.08
CA THR A 39 -16.41 -5.27 -2.98
C THR A 39 -15.07 -5.27 -2.25
N GLY A 40 -15.00 -4.68 -1.07
CA GLY A 40 -13.73 -4.63 -0.36
C GLY A 40 -13.01 -3.33 -0.62
N PHE A 41 -13.55 -2.41 -1.39
CA PHE A 41 -12.90 -1.16 -1.67
C PHE A 41 -13.78 0.04 -1.34
N PHE A 42 -13.17 1.15 -0.94
CA PHE A 42 -13.85 2.40 -0.75
C PHE A 42 -12.90 3.57 -0.98
N TYR A 43 -13.38 4.73 -1.34
CA TYR A 43 -12.58 5.93 -1.42
C TYR A 43 -12.73 6.74 -0.15
N ALA A 44 -11.66 7.05 0.54
CA ALA A 44 -11.64 7.94 1.67
C ALA A 44 -11.59 9.36 1.19
N VAL A 45 -12.58 10.18 1.47
CA VAL A 45 -12.62 11.57 1.08
C VAL A 45 -12.58 12.45 2.33
N ASN A 46 -12.29 13.72 2.17
CA ASN A 46 -12.12 14.66 3.26
C ASN A 46 -11.07 14.17 4.24
N HIS A 47 -9.99 13.66 3.65
CA HIS A 47 -8.88 13.09 4.37
C HIS A 47 -7.80 14.05 4.83
N GLY A 48 -7.82 15.28 4.35
CA GLY A 48 -6.91 16.30 4.76
C GLY A 48 -5.51 16.34 4.15
N ILE A 49 -5.18 15.39 3.31
CA ILE A 49 -3.81 15.40 2.72
C ILE A 49 -3.80 16.12 1.38
N ASN A 50 -2.71 16.87 1.17
CA ASN A 50 -2.56 17.59 -0.10
C ASN A 50 -2.01 16.63 -1.15
N VAL A 51 -2.90 15.97 -1.87
CA VAL A 51 -2.50 14.95 -2.84
C VAL A 51 -2.03 15.58 -4.13
N GLN A 52 -2.45 16.79 -4.45
CA GLN A 52 -1.94 17.44 -5.67
C GLN A 52 -0.46 17.72 -5.46
N ARG A 53 -0.04 18.15 -4.27
CA ARG A 53 1.38 18.44 -4.03
C ARG A 53 2.12 17.14 -3.98
N LEU A 54 1.62 16.07 -3.41
CA LEU A 54 2.27 14.77 -3.47
C LEU A 54 2.51 14.37 -4.92
N SER A 55 1.54 14.51 -5.78
CA SER A 55 1.72 14.15 -7.19
C SER A 55 2.75 15.02 -7.89
N GLN A 56 2.74 16.30 -7.64
CA GLN A 56 3.71 17.21 -8.24
C GLN A 56 5.12 16.91 -7.78
N LYS A 57 5.36 16.72 -6.50
CA LYS A 57 6.71 16.42 -6.03
C LYS A 57 7.15 15.08 -6.54
N THR A 58 6.30 14.09 -6.63
CA THR A 58 6.63 12.78 -7.13
C THR A 58 6.98 12.87 -8.61
N LYS A 59 6.20 13.62 -9.39
CA LYS A 59 6.55 13.79 -10.80
C LYS A 59 7.91 14.44 -10.96
N GLU A 60 8.18 15.48 -10.21
CA GLU A 60 9.48 16.17 -10.30
C GLU A 60 10.61 15.19 -10.10
N PHE A 61 10.54 14.32 -9.11
CA PHE A 61 11.50 13.28 -8.83
C PHE A 61 11.59 12.25 -9.93
N HIS A 62 10.51 11.62 -10.34
CA HIS A 62 10.56 10.59 -11.36
C HIS A 62 11.12 11.11 -12.68
N MET A 63 10.77 12.35 -13.01
CA MET A 63 11.22 12.84 -14.31
C MET A 63 12.59 13.45 -14.28
N SER A 64 13.22 13.69 -13.16
CA SER A 64 14.55 14.26 -13.12
C SER A 64 15.61 13.26 -12.70
N ILE A 65 15.26 12.13 -12.11
CA ILE A 65 16.31 11.18 -11.71
C ILE A 65 16.95 10.53 -12.93
N THR A 66 18.27 10.44 -12.89
CA THR A 66 19.05 9.91 -14.03
C THR A 66 19.43 8.48 -13.86
N PRO A 67 19.90 7.80 -14.92
CA PRO A 67 20.30 6.43 -14.85
C PRO A 67 21.38 6.15 -13.84
N GLU A 68 22.37 7.05 -13.73
CA GLU A 68 23.42 6.93 -12.74
C GLU A 68 22.86 6.89 -11.33
N GLU A 69 21.92 7.79 -11.03
CA GLU A 69 21.30 7.84 -9.71
C GLU A 69 20.50 6.59 -9.42
N LYS A 70 19.80 6.02 -10.38
CA LYS A 70 19.04 4.80 -10.18
C LYS A 70 19.93 3.64 -9.81
N TRP A 71 21.08 3.44 -10.47
CA TRP A 71 22.01 2.41 -10.06
C TRP A 71 22.52 2.68 -8.65
N ASP A 72 22.83 3.92 -8.33
CA ASP A 72 23.37 4.25 -7.01
C ASP A 72 22.38 4.07 -5.88
N LEU A 73 21.08 4.06 -6.20
CA LEU A 73 20.06 3.85 -5.18
C LEU A 73 19.40 2.50 -5.27
N ALA A 74 19.80 1.65 -6.22
CA ALA A 74 19.16 0.40 -6.52
C ALA A 74 19.08 -0.66 -5.44
N ILE A 75 17.95 -1.36 -5.36
CA ILE A 75 17.84 -2.51 -4.45
C ILE A 75 18.73 -3.66 -4.91
N ARG A 76 18.95 -4.65 -4.10
CA ARG A 76 19.85 -5.75 -4.46
C ARG A 76 19.41 -6.59 -5.62
N ALA A 77 18.14 -6.63 -5.99
CA ALA A 77 17.67 -7.33 -7.15
C ALA A 77 18.25 -6.74 -8.43
N TYR A 78 18.62 -5.48 -8.43
CA TYR A 78 19.22 -4.80 -9.57
C TYR A 78 20.69 -4.49 -9.35
N ASN A 79 21.20 -4.44 -8.14
CA ASN A 79 22.60 -4.11 -7.88
C ASN A 79 23.13 -5.00 -6.79
N LYS A 80 23.99 -5.93 -7.15
CA LYS A 80 24.60 -6.88 -6.23
C LYS A 80 25.44 -6.23 -5.15
N GLU A 81 25.90 -5.01 -5.29
CA GLU A 81 26.70 -4.35 -4.29
C GLU A 81 25.85 -3.92 -3.09
N HIS A 82 24.54 -3.83 -3.25
CA HIS A 82 23.69 -3.34 -2.16
C HIS A 82 22.94 -4.45 -1.47
N GLN A 83 23.66 -5.37 -0.82
CA GLN A 83 23.10 -6.50 -0.13
C GLN A 83 22.16 -6.15 1.01
N ASP A 84 22.26 -5.03 1.65
CA ASP A 84 21.34 -4.63 2.69
C ASP A 84 20.03 -4.06 2.17
N GLN A 85 19.93 -3.70 0.90
CA GLN A 85 18.71 -3.16 0.33
C GLN A 85 17.82 -4.21 -0.28
N VAL A 86 16.94 -4.80 0.52
CA VAL A 86 15.97 -5.76 0.08
C VAL A 86 14.68 -5.03 -0.27
N ARG A 87 14.25 -4.11 0.58
CA ARG A 87 13.01 -3.37 0.39
C ARG A 87 13.14 -1.93 -0.07
N ALA A 88 14.01 -1.15 0.52
CA ALA A 88 14.14 0.25 0.28
C ALA A 88 15.11 0.60 -0.82
N GLY A 89 14.73 1.52 -1.68
CA GLY A 89 15.59 1.94 -2.78
C GLY A 89 14.88 2.01 -4.11
N TYR A 90 15.68 2.10 -5.18
CA TYR A 90 15.12 2.19 -6.53
C TYR A 90 14.97 0.86 -7.22
N TYR A 91 13.83 0.66 -7.88
CA TYR A 91 13.45 -0.54 -8.59
C TYR A 91 13.43 -0.14 -10.07
N LEU A 92 14.43 -0.57 -10.86
CA LEU A 92 14.59 -0.09 -12.21
C LEU A 92 13.70 -0.69 -13.28
N SER A 93 13.39 0.12 -14.29
CA SER A 93 12.71 -0.39 -15.47
C SER A 93 13.74 -1.13 -16.33
N ILE A 94 13.28 -1.90 -17.29
CA ILE A 94 14.17 -2.59 -18.26
C ILE A 94 13.59 -2.30 -19.63
N PRO A 95 14.00 -1.22 -20.29
CA PRO A 95 13.47 -0.83 -21.57
C PRO A 95 13.41 -1.98 -22.53
N GLY A 96 12.30 -2.11 -23.24
CA GLY A 96 12.04 -3.23 -24.11
C GLY A 96 11.40 -4.41 -23.44
N LYS A 97 11.42 -4.52 -22.11
CA LYS A 97 10.93 -5.66 -21.38
C LYS A 97 10.05 -5.36 -20.16
N LYS A 98 10.41 -4.37 -19.39
CA LYS A 98 9.68 -4.04 -18.16
C LYS A 98 9.47 -2.55 -18.10
N ALA A 99 8.19 -2.11 -18.07
CA ALA A 99 7.93 -0.69 -18.10
C ALA A 99 7.99 0.00 -16.75
N VAL A 100 7.42 -0.63 -15.73
CA VAL A 100 7.31 0.00 -14.42
C VAL A 100 8.63 0.25 -13.75
N GLU A 101 8.73 1.32 -12.96
CA GLU A 101 9.88 1.63 -12.13
C GLU A 101 9.36 2.32 -10.87
N SER A 102 10.11 2.23 -9.79
CA SER A 102 9.61 2.83 -8.54
C SER A 102 10.68 3.09 -7.52
N PHE A 103 10.29 3.81 -6.45
CA PHE A 103 11.15 4.10 -5.33
C PHE A 103 10.41 3.80 -4.03
N CYS A 104 11.00 2.97 -3.19
CA CYS A 104 10.36 2.57 -1.93
C CYS A 104 11.17 3.08 -0.75
N TYR A 105 10.46 3.57 0.26
CA TYR A 105 11.06 4.00 1.50
C TYR A 105 10.19 3.57 2.69
N LEU A 106 10.89 3.36 3.79
CA LEU A 106 10.35 2.89 5.05
C LEU A 106 10.32 3.98 6.11
N ASN A 107 9.99 3.56 7.33
CA ASN A 107 9.94 4.45 8.47
C ASN A 107 11.14 5.33 8.57
N PRO A 108 11.03 6.64 8.54
CA PRO A 108 12.15 7.54 8.73
C PRO A 108 12.86 7.37 10.06
N ASN A 109 12.21 6.78 11.06
CA ASN A 109 12.82 6.49 12.35
C ASN A 109 13.74 5.30 12.30
N PHE A 110 13.78 4.53 11.22
CA PHE A 110 14.77 3.46 11.13
C PHE A 110 16.12 4.04 10.75
N THR A 111 16.80 4.56 11.74
CA THR A 111 18.09 5.22 11.61
C THR A 111 19.16 4.21 11.98
N PRO A 112 20.43 4.55 11.75
CA PRO A 112 21.51 3.65 12.10
C PRO A 112 21.55 3.21 13.53
N ASP A 113 21.06 4.02 14.47
CA ASP A 113 21.06 3.70 15.87
C ASP A 113 19.77 3.02 16.34
N HIS A 114 18.80 2.77 15.49
CA HIS A 114 17.56 2.13 15.96
C HIS A 114 17.84 0.73 16.38
N PRO A 115 17.28 0.21 17.46
CA PRO A 115 17.56 -1.11 17.96
C PRO A 115 17.37 -2.25 17.00
N ARG A 116 16.39 -2.16 16.10
CA ARG A 116 16.12 -3.18 15.12
C ARG A 116 17.10 -3.09 13.94
N ILE A 117 17.59 -1.89 13.68
CA ILE A 117 18.62 -1.72 12.65
C ILE A 117 19.94 -2.26 13.18
N GLN A 118 20.27 -1.93 14.42
CA GLN A 118 21.50 -2.48 15.02
C GLN A 118 21.45 -3.98 15.02
N ALA A 119 20.33 -4.62 15.31
CA ALA A 119 20.24 -6.06 15.32
C ALA A 119 20.18 -6.68 13.94
N LYS A 120 20.02 -5.89 12.89
CA LYS A 120 19.87 -6.38 11.54
C LYS A 120 18.68 -7.32 11.44
N THR A 121 17.57 -6.89 12.04
CA THR A 121 16.35 -7.66 12.04
C THR A 121 15.73 -7.61 10.67
N PRO A 122 15.34 -8.75 10.13
CA PRO A 122 14.71 -8.78 8.81
C PRO A 122 13.59 -7.79 8.68
N THR A 123 13.42 -7.22 7.50
CA THR A 123 12.44 -6.25 7.09
C THR A 123 12.72 -4.85 7.57
N HIS A 124 13.77 -4.60 8.36
CA HIS A 124 14.11 -3.26 8.78
C HIS A 124 15.35 -2.79 8.04
N GLU A 125 15.31 -1.62 7.44
CA GLU A 125 16.44 -1.04 6.71
C GLU A 125 16.47 0.46 6.87
N VAL A 126 17.63 1.08 6.73
CA VAL A 126 17.80 2.51 6.71
C VAL A 126 17.52 3.01 5.30
N ASN A 127 16.61 3.94 5.13
CA ASN A 127 16.32 4.47 3.81
C ASN A 127 17.54 5.02 3.11
N VAL A 128 17.48 4.98 1.78
CA VAL A 128 18.50 5.57 0.91
C VAL A 128 17.85 6.69 0.13
N TRP A 129 18.52 7.82 -0.08
CA TRP A 129 18.01 9.00 -0.72
C TRP A 129 18.96 9.57 -1.77
N PRO A 130 18.43 10.20 -2.78
CA PRO A 130 19.25 10.82 -3.80
C PRO A 130 19.97 12.02 -3.21
N ASP A 131 20.91 12.57 -3.96
CA ASP A 131 21.67 13.73 -3.54
C ASP A 131 20.76 14.94 -3.37
N GLU A 132 20.91 15.63 -2.25
CA GLU A 132 20.09 16.81 -1.97
C GLU A 132 20.24 17.92 -2.98
N THR A 133 21.45 18.15 -3.49
CA THR A 133 21.65 19.17 -4.51
C THR A 133 20.93 18.86 -5.81
N LYS A 134 20.83 17.60 -6.18
CA LYS A 134 20.12 17.21 -7.38
C LYS A 134 18.62 17.18 -7.23
N HIS A 135 18.12 16.92 -5.99
CA HIS A 135 16.67 16.83 -5.75
C HIS A 135 16.30 17.65 -4.54
N PRO A 136 16.43 18.95 -4.60
CA PRO A 136 16.25 19.82 -3.47
C PRO A 136 14.88 19.66 -2.83
N GLY A 137 14.89 19.42 -1.53
CA GLY A 137 13.63 19.27 -0.79
C GLY A 137 12.95 17.95 -0.90
N PHE A 138 13.38 17.02 -1.73
CA PHE A 138 12.68 15.75 -1.91
C PHE A 138 12.66 14.90 -0.65
N GLN A 139 13.79 14.65 -0.02
CA GLN A 139 13.83 13.83 1.18
C GLN A 139 12.92 14.42 2.25
N ASP A 140 12.99 15.71 2.45
CA ASP A 140 12.15 16.32 3.49
C ASP A 140 10.70 16.18 3.14
N PHE A 141 10.30 16.42 1.90
CA PHE A 141 8.93 16.24 1.49
C PHE A 141 8.49 14.82 1.69
N ALA A 142 9.30 13.84 1.27
CA ALA A 142 8.91 12.45 1.36
C ALA A 142 8.75 11.96 2.79
N GLU A 143 9.62 12.43 3.67
CA GLU A 143 9.54 12.02 5.08
C GLU A 143 8.28 12.63 5.70
N GLN A 144 8.01 13.89 5.37
CA GLN A 144 6.77 14.50 5.90
C GLN A 144 5.56 13.79 5.33
N TYR A 145 5.59 13.36 4.06
CA TYR A 145 4.46 12.63 3.49
C TYR A 145 4.20 11.34 4.24
N TYR A 146 5.25 10.63 4.65
CA TYR A 146 5.11 9.41 5.43
C TYR A 146 4.28 9.71 6.68
N TRP A 147 4.62 10.78 7.40
CA TRP A 147 3.88 11.11 8.61
C TRP A 147 2.48 11.61 8.32
N ASP A 148 2.22 12.29 7.21
CA ASP A 148 0.84 12.70 6.88
C ASP A 148 0.02 11.48 6.58
N VAL A 149 0.48 10.51 5.82
CA VAL A 149 -0.30 9.32 5.48
C VAL A 149 -0.36 8.38 6.67
N PHE A 150 0.62 8.38 7.55
CA PHE A 150 0.55 7.66 8.83
C PHE A 150 -0.62 8.20 9.64
N GLY A 151 -0.74 9.51 9.73
CA GLY A 151 -1.89 10.07 10.48
C GLY A 151 -3.20 9.65 9.88
N LEU A 152 -3.38 9.72 8.56
CA LEU A 152 -4.63 9.26 7.97
C LEU A 152 -4.88 7.80 8.26
N SER A 153 -3.85 6.96 8.15
CA SER A 153 -3.93 5.54 8.37
C SER A 153 -4.34 5.23 9.82
N SER A 154 -3.81 5.97 10.77
CA SER A 154 -4.24 5.76 12.16
C SER A 154 -5.74 6.05 12.32
N ALA A 155 -6.19 7.13 11.74
CA ALA A 155 -7.64 7.44 11.78
C ALA A 155 -8.44 6.35 11.11
N LEU A 156 -8.04 5.83 9.95
CA LEU A 156 -8.73 4.75 9.30
C LEU A 156 -8.74 3.51 10.18
N LEU A 157 -7.66 3.20 10.89
CA LEU A 157 -7.60 2.04 11.75
C LEU A 157 -8.59 2.17 12.92
N LYS A 158 -8.81 3.39 13.36
CA LYS A 158 -9.86 3.59 14.37
C LYS A 158 -11.20 3.21 13.82
N GLY A 159 -11.52 3.59 12.60
CA GLY A 159 -12.77 3.22 11.93
C GLY A 159 -12.91 1.72 11.77
N TYR A 160 -11.85 1.02 11.33
CA TYR A 160 -11.95 -0.43 11.18
C TYR A 160 -12.17 -1.13 12.53
N ALA A 161 -11.49 -0.70 13.56
CA ALA A 161 -11.66 -1.26 14.89
C ALA A 161 -13.12 -1.11 15.37
N LEU A 162 -13.65 0.10 15.26
CA LEU A 162 -15.06 0.31 15.66
C LEU A 162 -15.97 -0.55 14.81
N ALA A 163 -15.70 -0.69 13.52
CA ALA A 163 -16.54 -1.51 12.65
C ALA A 163 -16.60 -2.95 13.03
N LEU A 164 -15.54 -3.50 13.61
CA LEU A 164 -15.45 -4.88 14.02
C LEU A 164 -15.95 -5.13 15.44
N GLY A 165 -16.49 -4.09 16.06
CA GLY A 165 -17.00 -4.24 17.43
C GLY A 165 -15.99 -4.08 18.51
N LYS A 166 -14.82 -3.51 18.23
CA LYS A 166 -13.74 -3.31 19.18
C LYS A 166 -13.58 -1.85 19.56
N GLU A 167 -12.72 -1.58 20.53
CA GLU A 167 -12.39 -0.23 20.97
C GLU A 167 -11.53 0.40 19.86
N GLU A 168 -11.57 1.71 19.72
CA GLU A 168 -10.92 2.34 18.58
C GLU A 168 -9.42 2.13 18.51
N ASN A 169 -8.74 1.85 19.60
CA ASN A 169 -7.29 1.63 19.51
C ASN A 169 -6.92 0.19 19.27
N PHE A 170 -7.82 -0.71 18.92
CA PHE A 170 -7.54 -2.11 18.73
C PHE A 170 -6.38 -2.39 17.77
N PHE A 171 -6.39 -1.74 16.63
CA PHE A 171 -5.27 -1.91 15.68
C PHE A 171 -4.24 -0.82 15.88
N ALA A 172 -4.66 0.40 16.08
CA ALA A 172 -3.79 1.56 16.20
C ALA A 172 -2.74 1.45 17.28
N ARG A 173 -2.99 0.75 18.38
CA ARG A 173 -2.01 0.56 19.44
C ARG A 173 -0.79 -0.20 18.99
N HIS A 174 -0.84 -0.95 17.90
CA HIS A 174 0.24 -1.70 17.32
C HIS A 174 0.84 -0.97 16.11
N PHE A 175 0.36 0.22 15.84
CA PHE A 175 0.82 1.01 14.68
C PHE A 175 1.45 2.27 15.20
N LYS A 176 2.76 2.22 15.47
CA LYS A 176 3.47 3.26 16.19
C LYS A 176 4.62 3.88 15.41
N PRO A 177 4.84 5.17 15.53
CA PRO A 177 5.92 5.84 14.81
C PRO A 177 7.26 5.22 15.06
N ASP A 178 7.59 4.74 16.26
CA ASP A 178 8.92 4.24 16.50
C ASP A 178 9.18 2.90 15.86
N ASP A 179 8.21 2.09 15.49
CA ASP A 179 8.55 0.79 14.93
C ASP A 179 7.71 0.31 13.78
N THR A 180 6.79 1.10 13.23
CA THR A 180 6.02 0.55 12.13
C THR A 180 6.86 0.12 10.95
N LEU A 181 6.45 -0.99 10.36
CA LEU A 181 7.09 -1.52 9.15
C LEU A 181 6.39 -1.02 7.90
N ALA A 182 5.52 -0.03 8.00
CA ALA A 182 4.83 0.52 6.85
C ALA A 182 5.82 1.11 5.84
N SER A 183 5.38 1.09 4.57
CA SER A 183 6.20 1.62 3.49
C SER A 183 5.40 2.47 2.53
N VAL A 184 6.09 3.40 1.90
CA VAL A 184 5.59 4.19 0.80
C VAL A 184 6.28 3.70 -0.48
N VAL A 185 5.54 3.53 -1.56
CA VAL A 185 6.13 3.17 -2.84
C VAL A 185 5.71 4.21 -3.84
N LEU A 186 6.65 4.89 -4.49
CA LEU A 186 6.34 5.86 -5.53
C LEU A 186 6.48 5.18 -6.88
N ILE A 187 5.41 4.67 -7.45
CA ILE A 187 5.47 3.92 -8.69
C ILE A 187 5.19 4.80 -9.88
N ARG A 188 6.09 4.72 -10.86
CA ARG A 188 5.93 5.38 -12.15
C ARG A 188 5.51 4.36 -13.18
N TYR A 189 4.34 4.54 -13.80
CA TYR A 189 3.90 3.72 -14.93
C TYR A 189 4.03 4.64 -16.12
N PRO A 190 4.93 4.37 -17.06
CA PRO A 190 5.20 5.30 -18.13
C PRO A 190 4.33 5.19 -19.36
N TYR A 191 4.32 6.30 -20.10
CA TYR A 191 3.82 6.28 -21.47
C TYR A 191 5.04 5.86 -22.34
N LEU A 192 4.85 4.88 -23.20
CA LEU A 192 5.92 4.44 -24.11
C LEU A 192 5.47 4.35 -25.55
N ASP A 193 6.29 4.80 -26.50
CA ASP A 193 5.92 4.74 -27.91
C ASP A 193 6.93 4.19 -28.89
N PRO A 194 7.10 2.91 -28.90
CA PRO A 194 6.14 1.86 -28.98
C PRO A 194 6.10 1.18 -27.60
N TYR A 195 4.95 0.67 -27.17
CA TYR A 195 4.94 -0.02 -25.87
C TYR A 195 5.33 -1.46 -26.16
N PRO A 196 6.40 -1.94 -25.57
CA PRO A 196 6.88 -3.27 -25.83
C PRO A 196 5.92 -4.34 -25.34
N GLU A 197 5.62 -5.27 -26.22
CA GLU A 197 4.74 -6.39 -25.91
C GLU A 197 5.22 -7.20 -24.73
N ALA A 198 6.53 -7.34 -24.58
CA ALA A 198 7.12 -8.05 -23.46
C ALA A 198 6.73 -7.47 -22.13
N ALA A 199 6.37 -6.19 -22.05
CA ALA A 199 5.95 -5.55 -20.84
C ALA A 199 4.44 -5.59 -20.64
N ILE A 200 3.70 -6.27 -21.49
CA ILE A 200 2.26 -6.40 -21.37
C ILE A 200 1.89 -7.84 -21.12
N LYS A 201 1.17 -8.11 -20.05
CA LYS A 201 0.73 -9.46 -19.73
C LYS A 201 -0.70 -9.65 -20.17
N THR A 202 -1.17 -10.88 -20.30
CA THR A 202 -2.54 -11.15 -20.70
C THR A 202 -3.16 -12.12 -19.71
N ALA A 203 -4.28 -11.71 -19.11
CA ALA A 203 -4.98 -12.53 -18.15
C ALA A 203 -5.68 -13.68 -18.84
N ALA A 204 -6.14 -14.66 -18.09
CA ALA A 204 -6.88 -15.74 -18.72
C ALA A 204 -8.13 -15.28 -19.44
N ASP A 205 -8.88 -14.29 -18.99
CA ASP A 205 -10.07 -13.77 -19.64
C ASP A 205 -9.78 -12.88 -20.83
N GLY A 206 -8.54 -12.66 -21.21
CA GLY A 206 -8.13 -11.85 -22.32
C GLY A 206 -7.74 -10.43 -22.02
N THR A 207 -7.95 -9.98 -20.79
CA THR A 207 -7.60 -8.61 -20.43
C THR A 207 -6.11 -8.36 -20.42
N LYS A 208 -5.64 -7.29 -21.05
CA LYS A 208 -4.25 -6.91 -21.05
C LYS A 208 -3.90 -6.30 -19.71
N LEU A 209 -2.85 -6.78 -19.06
CA LEU A 209 -2.48 -6.30 -17.74
C LEU A 209 -1.07 -5.79 -17.58
N SER A 210 -0.83 -4.97 -16.56
CA SER A 210 0.51 -4.58 -16.17
C SER A 210 0.93 -5.35 -14.91
N PHE A 211 -0.02 -5.79 -14.09
CA PHE A 211 0.28 -6.54 -12.87
C PHE A 211 -0.85 -7.52 -12.60
N GLU A 212 -0.57 -8.78 -12.38
CA GLU A 212 -1.55 -9.82 -12.21
C GLU A 212 -2.32 -9.79 -10.90
N TRP A 213 -3.35 -10.64 -10.88
CA TRP A 213 -4.21 -10.75 -9.71
C TRP A 213 -3.40 -11.05 -8.47
N HIS A 214 -3.84 -10.49 -7.34
CA HIS A 214 -3.18 -10.66 -6.08
C HIS A 214 -4.04 -10.14 -4.93
N GLU A 215 -3.65 -10.56 -3.73
CA GLU A 215 -4.16 -10.01 -2.50
C GLU A 215 -3.02 -9.16 -1.96
N ASP A 216 -3.32 -8.06 -1.29
CA ASP A 216 -2.26 -7.25 -0.73
C ASP A 216 -1.59 -7.81 0.52
N VAL A 217 -0.29 -7.55 0.64
CA VAL A 217 0.47 -7.88 1.83
C VAL A 217 0.49 -6.63 2.69
N SER A 218 -0.50 -6.54 3.60
CA SER A 218 -0.73 -5.42 4.48
C SER A 218 -1.86 -5.72 5.47
N LEU A 219 -2.00 -4.82 6.42
CA LEU A 219 -3.21 -4.81 7.26
C LEU A 219 -4.27 -4.09 6.42
N ILE A 220 -3.99 -2.85 6.01
CA ILE A 220 -4.79 -2.13 5.06
C ILE A 220 -3.82 -1.43 4.09
N THR A 221 -4.33 -1.04 2.95
CA THR A 221 -3.54 -0.31 1.93
C THR A 221 -4.21 1.01 1.66
N VAL A 222 -3.49 2.10 1.62
CA VAL A 222 -3.98 3.46 1.48
C VAL A 222 -3.32 4.04 0.23
N LEU A 223 -4.06 4.09 -0.88
CA LEU A 223 -3.46 4.34 -2.19
C LEU A 223 -3.89 5.59 -2.88
N TYR A 224 -2.96 6.38 -3.39
CA TYR A 224 -3.24 7.51 -4.24
C TYR A 224 -2.91 7.09 -5.68
N GLN A 225 -3.77 7.37 -6.63
CA GLN A 225 -3.49 7.14 -8.03
C GLN A 225 -3.92 8.32 -8.88
N SER A 226 -3.29 8.46 -10.04
CA SER A 226 -3.70 9.48 -10.99
C SER A 226 -5.10 9.23 -11.49
N ASN A 227 -5.65 10.15 -12.27
CA ASN A 227 -7.00 10.00 -12.81
C ASN A 227 -7.01 9.22 -14.11
N VAL A 228 -6.51 8.02 -14.15
CA VAL A 228 -6.50 7.15 -15.30
C VAL A 228 -7.06 5.82 -14.87
N GLN A 229 -8.19 5.40 -15.43
CA GLN A 229 -8.78 4.13 -15.01
C GLN A 229 -7.88 2.96 -15.32
N ASN A 230 -7.65 2.08 -14.35
CA ASN A 230 -6.83 0.91 -14.58
C ASN A 230 -7.08 -0.26 -13.65
N LEU A 231 -7.64 -0.03 -12.47
CA LEU A 231 -7.81 -1.15 -11.53
C LEU A 231 -9.06 -1.98 -11.70
N GLN A 232 -8.97 -3.27 -11.40
CA GLN A 232 -10.14 -4.12 -11.40
C GLN A 232 -10.16 -4.95 -10.12
N VAL A 233 -11.36 -5.25 -9.62
CA VAL A 233 -11.53 -6.07 -8.43
C VAL A 233 -12.36 -7.29 -8.77
N GLU A 234 -11.96 -8.46 -8.31
CA GLU A 234 -12.76 -9.66 -8.52
C GLU A 234 -13.88 -9.72 -7.48
N THR A 235 -15.11 -9.85 -7.98
CA THR A 235 -16.27 -9.96 -7.11
C THR A 235 -17.01 -11.25 -7.44
N ALA A 236 -18.13 -11.49 -6.75
CA ALA A 236 -18.89 -12.70 -7.06
C ALA A 236 -19.47 -12.60 -8.46
N ALA A 237 -19.63 -11.41 -8.98
CA ALA A 237 -20.11 -11.15 -10.32
C ALA A 237 -18.99 -11.02 -11.32
N GLY A 238 -17.76 -11.36 -10.98
CA GLY A 238 -16.64 -11.29 -11.90
C GLY A 238 -15.75 -10.08 -11.68
N TYR A 239 -14.76 -9.87 -12.56
CA TYR A 239 -13.91 -8.70 -12.42
C TYR A 239 -14.72 -7.46 -12.80
N GLN A 240 -14.61 -6.42 -12.00
CA GLN A 240 -15.32 -5.16 -12.19
C GLN A 240 -14.38 -3.98 -12.19
N ASP A 241 -14.61 -2.94 -12.96
CA ASP A 241 -13.71 -1.81 -13.01
C ASP A 241 -13.84 -0.86 -11.85
N ILE A 242 -12.72 -0.45 -11.26
CA ILE A 242 -12.75 0.52 -10.19
C ILE A 242 -12.52 1.89 -10.80
N GLU A 243 -13.45 2.81 -10.62
CA GLU A 243 -13.30 4.14 -11.17
C GLU A 243 -12.14 4.89 -10.53
N ALA A 244 -11.41 5.67 -11.32
CA ALA A 244 -10.34 6.47 -10.77
C ALA A 244 -10.87 7.73 -10.08
N ASP A 245 -10.14 8.21 -9.10
CA ASP A 245 -10.48 9.43 -8.38
C ASP A 245 -9.17 9.96 -7.78
N ASP A 246 -8.58 10.94 -8.43
CA ASP A 246 -7.31 11.49 -7.94
C ASP A 246 -7.46 12.54 -6.87
N THR A 247 -8.63 12.66 -6.23
CA THR A 247 -8.79 13.54 -5.11
C THR A 247 -8.91 12.75 -3.81
N GLY A 248 -9.18 11.46 -3.89
CA GLY A 248 -9.34 10.63 -2.73
C GLY A 248 -8.29 9.57 -2.60
N TYR A 249 -8.33 8.80 -1.53
CA TYR A 249 -7.47 7.66 -1.32
C TYR A 249 -8.25 6.37 -1.45
N LEU A 250 -7.83 5.44 -2.27
CA LEU A 250 -8.50 4.16 -2.41
C LEU A 250 -8.03 3.25 -1.31
N ILE A 251 -8.93 2.69 -0.51
CA ILE A 251 -8.62 1.86 0.63
C ILE A 251 -9.10 0.45 0.46
N ASN A 252 -8.31 -0.54 0.87
CA ASN A 252 -8.70 -1.93 0.91
C ASN A 252 -7.94 -2.67 2.00
N CYS A 253 -8.44 -3.83 2.37
CA CYS A 253 -7.78 -4.67 3.35
C CYS A 253 -6.73 -5.58 2.70
N GLY A 254 -5.71 -5.92 3.48
CA GLY A 254 -4.68 -6.86 3.05
C GLY A 254 -4.90 -8.18 3.74
N SER A 255 -4.13 -9.21 3.43
CA SER A 255 -4.35 -10.54 3.99
C SER A 255 -4.11 -10.61 5.48
N TYR A 256 -3.44 -9.67 6.15
CA TYR A 256 -3.34 -9.79 7.61
C TYR A 256 -4.71 -9.48 8.20
N MET A 257 -5.47 -8.56 7.63
CA MET A 257 -6.81 -8.29 8.15
C MET A 257 -7.68 -9.50 7.92
N ALA A 258 -7.55 -10.17 6.78
CA ALA A 258 -8.35 -11.36 6.53
C ALA A 258 -8.04 -12.43 7.54
N HIS A 259 -6.76 -12.62 7.86
CA HIS A 259 -6.36 -13.60 8.86
C HIS A 259 -6.95 -13.26 10.22
N LEU A 260 -6.83 -12.03 10.68
CA LEU A 260 -7.30 -11.67 12.01
C LEU A 260 -8.81 -11.75 12.15
N THR A 261 -9.56 -11.54 11.08
CA THR A 261 -11.01 -11.55 11.14
C THR A 261 -11.64 -12.83 10.61
N ASN A 262 -10.85 -13.82 10.30
CA ASN A 262 -11.28 -15.08 9.73
C ASN A 262 -12.05 -14.87 8.45
N ASN A 263 -11.53 -14.02 7.57
CA ASN A 263 -12.16 -13.74 6.29
C ASN A 263 -13.47 -13.01 6.41
N TYR A 264 -13.87 -12.41 7.53
CA TYR A 264 -15.06 -11.56 7.62
C TYR A 264 -14.79 -10.35 6.74
N TYR A 265 -13.60 -9.74 6.91
CA TYR A 265 -13.17 -8.70 6.01
C TYR A 265 -12.08 -9.33 5.12
N LYS A 266 -12.44 -9.74 3.93
CA LYS A 266 -11.52 -10.38 3.02
C LYS A 266 -10.52 -9.39 2.45
N ALA A 267 -9.40 -9.94 1.98
CA ALA A 267 -8.44 -9.13 1.23
C ALA A 267 -8.86 -9.29 -0.22
N PRO A 268 -9.46 -8.27 -0.79
CA PRO A 268 -10.00 -8.39 -2.15
C PRO A 268 -8.95 -8.68 -3.19
N ILE A 269 -9.28 -9.60 -4.09
CA ILE A 269 -8.33 -9.90 -5.19
C ILE A 269 -8.50 -8.81 -6.21
N HIS A 270 -7.37 -8.25 -6.70
CA HIS A 270 -7.45 -7.15 -7.64
C HIS A 270 -6.26 -7.23 -8.60
N ARG A 271 -6.37 -6.55 -9.73
CA ARG A 271 -5.30 -6.55 -10.73
C ARG A 271 -5.24 -5.20 -11.41
N VAL A 272 -4.16 -4.96 -12.13
CA VAL A 272 -3.87 -3.72 -12.81
C VAL A 272 -3.91 -3.87 -14.33
N LYS A 273 -4.87 -3.25 -14.99
CA LYS A 273 -4.90 -3.34 -16.44
C LYS A 273 -3.78 -2.52 -17.06
N TRP A 274 -3.39 -2.95 -18.27
CA TRP A 274 -2.40 -2.25 -19.06
C TRP A 274 -3.07 -1.04 -19.70
N VAL A 275 -2.47 0.11 -19.50
CA VAL A 275 -2.90 1.37 -20.09
C VAL A 275 -1.64 2.10 -20.55
N ASN A 276 -1.60 2.59 -21.79
CA ASN A 276 -0.41 3.30 -22.24
C ASN A 276 -0.59 4.77 -21.90
N ALA A 277 -0.25 5.10 -20.68
CA ALA A 277 -0.38 6.43 -20.11
C ALA A 277 0.65 6.70 -19.02
N GLU A 278 1.19 7.88 -18.99
CA GLU A 278 2.12 8.30 -17.97
C GLU A 278 1.32 8.56 -16.69
N ARG A 279 1.53 7.75 -15.66
CA ARG A 279 0.69 7.88 -14.47
C ARG A 279 1.39 7.44 -13.22
N GLN A 280 0.70 7.66 -12.09
CA GLN A 280 1.29 7.36 -10.79
C GLN A 280 0.48 6.40 -9.98
N SER A 281 1.14 5.51 -9.27
CA SER A 281 0.48 4.61 -8.32
C SER A 281 1.29 4.74 -7.04
N LEU A 282 0.78 5.33 -5.97
CA LEU A 282 1.51 5.66 -4.77
C LEU A 282 0.90 5.05 -3.53
N PRO A 283 1.09 3.77 -3.32
CA PRO A 283 0.57 3.09 -2.16
C PRO A 283 1.34 3.35 -0.89
N PHE A 284 0.60 3.32 0.23
CA PHE A 284 1.14 3.29 1.59
C PHE A 284 0.62 1.97 2.16
N PHE A 285 1.54 1.05 2.46
CA PHE A 285 1.13 -0.23 3.04
C PHE A 285 1.18 -0.11 4.54
N VAL A 286 -0.02 -0.24 5.16
CA VAL A 286 -0.12 -0.13 6.62
C VAL A 286 0.26 -1.45 7.27
N ASN A 287 1.52 -1.48 7.74
CA ASN A 287 2.09 -2.64 8.40
C ASN A 287 2.33 -2.33 9.86
N LEU A 288 2.20 -3.33 10.72
CA LEU A 288 2.39 -3.12 12.16
C LEU A 288 3.85 -3.28 12.53
N GLY A 289 4.18 -3.51 13.78
CA GLY A 289 5.56 -3.71 14.21
C GLY A 289 5.99 -5.14 14.06
N TYR A 290 7.30 -5.38 14.09
CA TYR A 290 7.84 -6.70 13.87
C TYR A 290 7.28 -7.77 14.80
N ASP A 291 7.11 -7.43 16.07
CA ASP A 291 6.61 -8.38 17.04
C ASP A 291 5.13 -8.27 17.31
N SER A 292 4.42 -7.39 16.64
CA SER A 292 3.00 -7.24 16.84
C SER A 292 2.26 -8.51 16.52
N VAL A 293 1.44 -8.97 17.48
CA VAL A 293 0.62 -10.14 17.33
C VAL A 293 -0.78 -9.79 17.86
N ILE A 294 -1.75 -9.95 16.99
CA ILE A 294 -3.15 -9.74 17.41
C ILE A 294 -3.80 -11.11 17.38
N ASP A 295 -4.48 -11.48 18.46
CA ASP A 295 -5.10 -12.80 18.47
C ASP A 295 -6.25 -12.81 17.50
N PRO A 296 -6.26 -13.76 16.57
CA PRO A 296 -7.32 -13.86 15.59
C PRO A 296 -8.68 -14.03 16.22
N PHE A 297 -9.71 -13.47 15.63
CA PHE A 297 -11.07 -13.56 16.15
C PHE A 297 -12.05 -13.72 15.02
N ASP A 298 -13.33 -13.92 15.33
CA ASP A 298 -14.32 -14.08 14.27
C ASP A 298 -15.58 -13.37 14.66
N PRO A 299 -15.87 -12.23 14.06
CA PRO A 299 -17.04 -11.45 14.32
C PRO A 299 -18.37 -12.00 13.82
N ARG A 300 -18.36 -13.16 13.20
CA ARG A 300 -19.60 -13.77 12.74
C ARG A 300 -19.98 -14.88 13.71
N GLU A 301 -19.13 -15.20 14.66
CA GLU A 301 -19.42 -16.25 15.63
C GLU A 301 -19.81 -15.65 16.96
N PRO A 302 -20.86 -16.18 17.56
CA PRO A 302 -21.34 -15.72 18.84
C PRO A 302 -20.29 -15.52 19.89
N ASN A 303 -19.36 -16.46 20.06
CA ASN A 303 -18.33 -16.28 21.08
C ASN A 303 -17.12 -15.52 20.58
N GLY A 304 -17.11 -15.15 19.32
CA GLY A 304 -16.04 -14.44 18.67
C GLY A 304 -14.76 -15.22 18.54
N LYS A 305 -14.76 -16.51 18.77
CA LYS A 305 -13.53 -17.29 18.71
C LYS A 305 -13.25 -17.76 17.30
N SER A 306 -11.95 -17.82 16.98
CA SER A 306 -11.52 -18.17 15.64
C SER A 306 -10.72 -19.43 15.54
N ASP A 307 -10.65 -20.22 14.48
CA ASP A 307 -9.77 -21.38 14.48
C ASP A 307 -8.45 -21.16 13.74
N ARG A 308 -7.89 -19.98 13.93
CA ARG A 308 -6.62 -19.60 13.35
C ARG A 308 -5.55 -19.40 14.40
N GLU A 309 -4.32 -19.71 14.04
CA GLU A 309 -3.20 -19.55 14.96
C GLU A 309 -2.58 -18.18 14.82
N PRO A 310 -2.18 -17.57 15.92
CA PRO A 310 -1.58 -16.27 15.92
C PRO A 310 -0.31 -16.22 15.08
N LEU A 311 -0.15 -15.08 14.42
CA LEU A 311 1.00 -14.87 13.54
C LEU A 311 1.59 -13.51 13.77
N SER A 312 2.89 -13.42 14.05
CA SER A 312 3.48 -12.10 14.24
C SER A 312 3.54 -11.34 12.91
N TYR A 313 3.44 -10.02 13.00
CA TYR A 313 3.45 -9.22 11.78
C TYR A 313 4.75 -9.37 11.02
N GLY A 314 5.88 -9.46 11.71
CA GLY A 314 7.17 -9.63 11.04
C GLY A 314 7.24 -10.90 10.23
N ASP A 315 6.78 -12.01 10.78
CA ASP A 315 6.76 -13.26 10.06
C ASP A 315 5.84 -13.16 8.85
N TYR A 316 4.64 -12.60 9.05
CA TYR A 316 3.71 -12.39 7.96
C TYR A 316 4.32 -11.58 6.83
N LEU A 317 4.92 -10.46 7.20
CA LEU A 317 5.44 -9.57 6.16
C LEU A 317 6.60 -10.20 5.41
N GLN A 318 7.59 -10.76 6.11
CA GLN A 318 8.72 -11.34 5.37
C GLN A 318 8.23 -12.37 4.37
N ASN A 319 7.41 -13.30 4.84
CA ASN A 319 6.90 -14.35 3.99
C ASN A 319 6.00 -13.80 2.90
N GLY A 320 5.13 -12.84 3.19
CA GLY A 320 4.25 -12.35 2.15
C GLY A 320 4.97 -11.64 1.02
N LEU A 321 5.98 -10.85 1.32
CA LEU A 321 6.67 -10.12 0.26
C LEU A 321 7.43 -11.07 -0.66
N VAL A 322 8.02 -12.11 -0.12
CA VAL A 322 8.69 -13.11 -0.94
C VAL A 322 7.71 -13.83 -1.83
N SER A 323 6.58 -14.23 -1.27
CA SER A 323 5.56 -14.92 -2.03
C SER A 323 4.99 -14.06 -3.15
N LEU A 324 4.86 -12.76 -2.92
CA LEU A 324 4.32 -11.90 -3.96
C LEU A 324 5.28 -11.78 -5.12
N ILE A 325 6.58 -11.73 -4.85
CA ILE A 325 7.59 -11.71 -5.90
C ILE A 325 7.57 -13.01 -6.67
N ASN A 326 7.49 -14.13 -5.96
CA ASN A 326 7.44 -15.41 -6.68
C ASN A 326 6.23 -15.52 -7.58
N LYS A 327 5.06 -15.04 -7.13
CA LYS A 327 3.85 -15.15 -7.90
C LYS A 327 3.77 -14.20 -9.09
N ASN A 328 4.02 -12.92 -8.85
CA ASN A 328 3.81 -11.91 -9.88
C ASN A 328 5.06 -11.26 -10.42
N GLY A 329 6.23 -11.70 -9.99
CA GLY A 329 7.50 -11.19 -10.49
C GLY A 329 8.15 -10.08 -9.72
N GLN A 330 9.46 -9.92 -9.88
CA GLN A 330 10.19 -8.83 -9.24
C GLN A 330 9.79 -7.51 -9.87
N THR A 331 9.31 -6.56 -9.08
CA THR A 331 8.89 -5.28 -9.58
C THR A 331 10.03 -4.29 -9.68
#